data_3UO3
#
_entry.id   3UO3
#
_cell.length_a   59.791
_cell.length_b   60.450
_cell.length_c   108.886
_cell.angle_alpha   90.000
_cell.angle_beta   90.000
_cell.angle_gamma   90.000
#
_symmetry.space_group_name_H-M   'P 21 21 21'
#
loop_
_entity.id
_entity.type
_entity.pdbx_description
1 polymer 'J-type co-chaperone JAC1, mitochondrial'
2 non-polymer 'ACETATE ION'
3 water water
#
_entity_poly.entity_id   1
_entity_poly.type   'polypeptide(L)'
_entity_poly.pdbx_seq_one_letter_code
;SNALVQRRFTSTFYELFPKTFPKKLPIWTIDQSRLRKEYRQLQAQHHPDMAQQGSEQSSTLNQAYHTLKDPLRRSQYMLK
LLRNIDLTQEQTSNEVTTSDPQLLLKVLDIHDELSQMDDEAGVKLLEKQNKERIQDIEAQLGQCYNDKDYAAAVKLTVEL
KYWYNLAKAFKDWAPGKQLEM
;
_entity_poly.pdbx_strand_id   A,B
#
loop_
_chem_comp.id
_chem_comp.type
_chem_comp.name
_chem_comp.formula
ACT non-polymer 'ACETATE ION' 'C2 H3 O2 -1'
#
# COMPACT_ATOMS: atom_id res chain seq x y z
N ARG A 7 -27.04 -18.53 18.30
CA ARG A 7 -26.98 -19.91 17.78
C ARG A 7 -25.53 -20.46 17.96
N ARG A 8 -24.51 -19.60 17.99
CA ARG A 8 -23.13 -20.06 18.25
C ARG A 8 -23.05 -20.80 19.59
N PHE A 9 -22.43 -21.99 19.68
CA PHE A 9 -22.29 -22.62 21.01
C PHE A 9 -20.78 -22.69 21.38
N THR A 10 -19.90 -22.52 20.37
CA THR A 10 -18.43 -22.45 20.62
C THR A 10 -18.03 -21.19 21.38
N SER A 11 -16.91 -21.24 22.11
CA SER A 11 -16.62 -20.17 23.00
CA SER A 11 -16.52 -20.17 23.02
C SER A 11 -15.94 -19.01 22.21
N THR A 12 -16.05 -17.79 22.75
CA THR A 12 -15.37 -16.66 22.10
C THR A 12 -14.15 -16.34 22.92
N PHE A 13 -13.27 -15.44 22.44
CA PHE A 13 -12.09 -15.21 23.24
C PHE A 13 -12.46 -14.41 24.48
N TYR A 14 -13.54 -13.66 24.39
CA TYR A 14 -14.01 -12.89 25.58
C TYR A 14 -14.45 -13.82 26.71
N GLU A 15 -15.01 -14.96 26.27
CA GLU A 15 -15.52 -15.96 27.23
C GLU A 15 -14.36 -16.68 27.91
N LEU A 16 -13.14 -16.54 27.40
CA LEU A 16 -12.03 -17.23 28.06
C LEU A 16 -11.40 -16.41 29.16
N PHE A 17 -11.84 -15.19 29.31
CA PHE A 17 -11.31 -14.26 30.34
C PHE A 17 -12.50 -13.75 31.15
N PRO A 18 -13.12 -14.65 31.97
CA PRO A 18 -14.37 -14.22 32.63
C PRO A 18 -14.14 -13.15 33.72
N LYS A 19 -12.93 -12.98 34.26
CA LYS A 19 -12.71 -11.94 35.27
C LYS A 19 -12.60 -10.62 34.61
N THR A 20 -12.00 -10.63 33.43
CA THR A 20 -11.84 -9.37 32.68
C THR A 20 -13.15 -8.97 32.05
N PHE A 21 -14.01 -9.94 31.70
CA PHE A 21 -15.27 -9.66 30.97
C PHE A 21 -16.38 -10.40 31.70
N PRO A 22 -16.83 -9.86 32.85
CA PRO A 22 -17.91 -10.52 33.64
C PRO A 22 -19.18 -10.75 32.78
N LYS A 23 -19.48 -9.84 31.85
CA LYS A 23 -20.64 -10.00 30.97
C LYS A 23 -20.42 -10.93 29.79
N LYS A 24 -19.14 -11.28 29.52
CA LYS A 24 -18.82 -12.30 28.50
CA LYS A 24 -18.74 -12.27 28.50
C LYS A 24 -19.16 -11.92 27.07
N LEU A 25 -19.35 -10.62 26.78
CA LEU A 25 -19.69 -10.17 25.43
C LEU A 25 -18.57 -9.30 24.84
N PRO A 26 -18.51 -9.26 23.48
CA PRO A 26 -17.35 -8.63 22.84
C PRO A 26 -17.44 -7.15 23.10
N ILE A 27 -16.35 -6.58 23.58
CA ILE A 27 -16.25 -5.13 23.78
C ILE A 27 -14.91 -4.62 23.30
N TRP A 28 -14.91 -3.33 22.95
CA TRP A 28 -13.70 -2.66 22.45
C TRP A 28 -12.82 -2.16 23.54
N THR A 29 -13.41 -1.56 24.59
CA THR A 29 -12.58 -0.92 25.63
CA THR A 29 -12.55 -0.95 25.60
C THR A 29 -12.18 -1.99 26.66
N ILE A 30 -11.03 -2.58 26.48
CA ILE A 30 -10.62 -3.71 27.33
C ILE A 30 -9.68 -3.13 28.37
N ASP A 31 -9.85 -3.50 29.64
CA ASP A 31 -8.82 -3.17 30.66
C ASP A 31 -7.61 -4.11 30.47
N GLN A 32 -6.58 -3.60 29.81
CA GLN A 32 -5.47 -4.44 29.35
C GLN A 32 -4.65 -4.93 30.49
N SER A 33 -4.61 -4.16 31.59
CA SER A 33 -3.89 -4.61 32.80
CA SER A 33 -3.91 -4.56 32.81
C SER A 33 -4.62 -5.76 33.43
N ARG A 34 -5.96 -5.72 33.44
CA ARG A 34 -6.71 -6.85 34.00
CA ARG A 34 -6.75 -6.83 33.97
C ARG A 34 -6.63 -8.09 33.08
N LEU A 35 -6.64 -7.86 31.77
CA LEU A 35 -6.57 -8.99 30.84
C LEU A 35 -5.20 -9.68 30.98
N ARG A 36 -4.14 -8.88 31.07
CA ARG A 36 -2.78 -9.44 31.21
C ARG A 36 -2.69 -10.28 32.52
N LYS A 37 -3.23 -9.75 33.61
CA LYS A 37 -3.18 -10.39 34.89
C LYS A 37 -3.95 -11.72 34.83
N GLU A 38 -5.09 -11.73 34.15
CA GLU A 38 -5.93 -12.94 34.12
C GLU A 38 -5.22 -13.98 33.24
N TYR A 39 -4.58 -13.52 32.15
CA TYR A 39 -3.91 -14.46 31.22
C TYR A 39 -2.75 -15.15 31.99
N ARG A 40 -1.98 -14.35 32.74
CA ARG A 40 -0.91 -14.95 33.59
C ARG A 40 -1.51 -15.91 34.64
N GLN A 41 -2.57 -15.46 35.34
CA GLN A 41 -3.24 -16.30 36.32
C GLN A 41 -3.72 -17.61 35.74
N LEU A 42 -4.32 -17.59 34.57
CA LEU A 42 -4.83 -18.86 33.97
C LEU A 42 -3.69 -19.86 33.69
N GLN A 43 -2.57 -19.32 33.29
CA GLN A 43 -1.40 -20.12 33.09
C GLN A 43 -0.86 -20.66 34.40
N ALA A 44 -0.85 -19.84 35.46
CA ALA A 44 -0.43 -20.31 36.80
C ALA A 44 -1.34 -21.46 37.27
N GLN A 45 -2.64 -21.36 36.99
CA GLN A 45 -3.66 -22.39 37.36
C GLN A 45 -3.64 -23.67 36.55
N HIS A 46 -2.87 -23.69 35.48
CA HIS A 46 -2.81 -24.89 34.65
C HIS A 46 -1.97 -26.03 35.21
N HIS A 47 -2.64 -27.11 35.54
CA HIS A 47 -2.00 -28.33 36.13
C HIS A 47 -1.62 -29.28 35.01
N PRO A 48 -0.50 -30.01 35.09
CA PRO A 48 -0.12 -30.84 33.92
C PRO A 48 -1.11 -32.03 33.62
N ASP A 49 -2.00 -32.38 34.53
CA ASP A 49 -3.15 -33.29 34.19
C ASP A 49 -4.28 -32.64 33.32
N MET A 50 -4.38 -31.34 33.35
CA MET A 50 -5.46 -30.68 32.58
C MET A 50 -5.13 -30.63 31.09
N ALA A 51 -6.19 -30.56 30.31
CA ALA A 51 -6.12 -30.41 28.84
C ALA A 51 -6.21 -28.91 28.60
N GLN A 52 -5.42 -28.41 27.67
CA GLN A 52 -5.56 -27.01 27.39
CA GLN A 52 -5.47 -27.02 27.23
C GLN A 52 -6.78 -26.70 26.49
N GLN A 53 -7.28 -25.49 26.63
CA GLN A 53 -8.33 -24.94 25.75
C GLN A 53 -7.82 -24.81 24.30
N GLY A 54 -8.65 -25.29 23.36
CA GLY A 54 -8.33 -25.15 21.94
C GLY A 54 -7.48 -26.29 21.37
N SER A 55 -7.80 -26.73 20.16
CA SER A 55 -7.10 -27.89 19.56
C SER A 55 -6.03 -27.47 18.55
N GLU A 56 -5.99 -26.19 18.19
CA GLU A 56 -4.95 -25.69 17.28
C GLU A 56 -4.56 -24.26 17.69
N GLN A 57 -3.44 -23.81 17.18
CA GLN A 57 -2.96 -22.46 17.56
C GLN A 57 -4.06 -21.35 17.52
N SER A 58 -4.85 -21.30 16.44
CA SER A 58 -5.93 -20.30 16.31
C SER A 58 -6.98 -20.20 17.45
N SER A 59 -7.08 -21.21 18.29
CA SER A 59 -8.10 -21.17 19.34
C SER A 59 -7.54 -21.41 20.78
N THR A 60 -6.23 -21.26 20.93
CA THR A 60 -5.61 -21.34 22.23
C THR A 60 -5.83 -20.08 23.04
N LEU A 61 -5.59 -20.16 24.35
CA LEU A 61 -5.60 -18.96 25.19
C LEU A 61 -4.55 -17.93 24.72
N ASN A 62 -3.41 -18.41 24.26
CA ASN A 62 -2.36 -17.54 23.78
C ASN A 62 -2.86 -16.67 22.59
N GLN A 63 -3.49 -17.32 21.60
CA GLN A 63 -4.15 -16.59 20.47
C GLN A 63 -5.24 -15.63 20.98
N ALA A 64 -6.06 -16.08 21.93
CA ALA A 64 -7.16 -15.26 22.48
C ALA A 64 -6.61 -13.98 23.11
N TYR A 65 -5.52 -14.12 23.90
CA TYR A 65 -4.91 -13.05 24.65
C TYR A 65 -4.31 -12.05 23.60
N HIS A 66 -3.55 -12.56 22.61
CA HIS A 66 -2.82 -11.62 21.73
C HIS A 66 -3.78 -10.95 20.79
N THR A 67 -4.89 -11.62 20.52
CA THR A 67 -5.97 -11.02 19.63
C THR A 67 -6.62 -9.87 20.32
N LEU A 68 -7.00 -10.04 21.58
CA LEU A 68 -7.72 -8.94 22.30
C LEU A 68 -6.74 -7.85 22.69
N LYS A 69 -5.48 -8.20 22.93
CA LYS A 69 -4.49 -7.12 23.30
C LYS A 69 -4.30 -6.13 22.10
N ASP A 70 -4.11 -6.61 20.87
CA ASP A 70 -3.79 -5.71 19.82
C ASP A 70 -5.04 -5.05 19.17
N PRO A 71 -5.07 -3.72 19.07
CA PRO A 71 -6.26 -3.00 18.51
C PRO A 71 -6.75 -3.46 17.17
N LEU A 72 -5.86 -3.61 16.20
CA LEU A 72 -6.28 -4.14 14.86
C LEU A 72 -6.93 -5.51 14.90
N ARG A 73 -6.20 -6.47 15.49
CA ARG A 73 -6.76 -7.79 15.68
C ARG A 73 -8.04 -7.79 16.52
N ARG A 74 -8.14 -6.97 17.61
CA ARG A 74 -9.30 -6.99 18.42
C ARG A 74 -10.51 -6.51 17.55
N SER A 75 -10.29 -5.50 16.67
CA SER A 75 -11.36 -4.96 15.84
C SER A 75 -11.76 -5.96 14.76
N GLN A 76 -10.76 -6.57 14.13
CA GLN A 76 -11.15 -7.58 13.17
C GLN A 76 -11.92 -8.70 13.87
N TYR A 77 -11.47 -9.09 15.06
CA TYR A 77 -12.14 -10.18 15.80
C TYR A 77 -13.59 -9.80 16.18
N MET A 78 -13.78 -8.59 16.75
CA MET A 78 -15.14 -8.18 17.03
C MET A 78 -16.03 -8.24 15.81
N LEU A 79 -15.56 -7.78 14.63
CA LEU A 79 -16.43 -7.75 13.47
C LEU A 79 -16.75 -9.16 12.97
N LYS A 80 -15.81 -10.09 13.13
CA LYS A 80 -16.11 -11.50 12.92
C LYS A 80 -17.25 -12.04 13.78
N LEU A 81 -17.24 -11.77 15.11
CA LEU A 81 -18.24 -12.27 16.00
C LEU A 81 -19.55 -11.51 15.79
N LEU A 82 -19.49 -10.19 15.60
CA LEU A 82 -20.72 -9.41 15.66
C LEU A 82 -21.33 -9.23 14.27
N ARG A 83 -20.56 -9.35 13.20
CA ARG A 83 -21.17 -9.01 11.89
C ARG A 83 -20.84 -10.09 10.92
N ASN A 84 -20.24 -11.13 11.42
CA ASN A 84 -19.88 -12.18 10.49
C ASN A 84 -19.07 -11.78 9.28
N ILE A 85 -18.11 -10.89 9.48
CA ILE A 85 -17.35 -10.42 8.39
C ILE A 85 -15.90 -10.68 8.83
N ASP A 86 -15.09 -11.25 7.91
CA ASP A 86 -13.70 -11.58 8.29
C ASP A 86 -12.74 -10.74 7.49
N LEU A 87 -12.28 -9.66 8.09
CA LEU A 87 -11.47 -8.70 7.34
C LEU A 87 -10.01 -9.18 7.17
N THR A 88 -9.61 -10.28 7.81
CA THR A 88 -8.29 -10.85 7.50
C THR A 88 -8.22 -11.44 6.07
N GLN A 89 -9.38 -11.56 5.39
CA GLN A 89 -9.53 -12.16 4.05
C GLN A 89 -9.50 -11.06 2.99
N GLU A 90 -8.50 -11.15 2.11
CA GLU A 90 -8.25 -10.18 1.03
CA GLU A 90 -8.28 -10.08 1.14
C GLU A 90 -9.52 -9.88 0.22
N GLN A 91 -10.33 -10.92 0.04
CA GLN A 91 -11.60 -10.80 -0.71
C GLN A 91 -12.61 -9.81 -0.08
N THR A 92 -12.85 -9.99 1.22
CA THR A 92 -13.75 -9.18 2.02
C THR A 92 -13.29 -7.74 2.12
N SER A 93 -12.01 -7.55 2.39
CA SER A 93 -11.44 -6.23 2.60
CA SER A 93 -11.45 -6.21 2.60
C SER A 93 -11.34 -5.36 1.32
N ASN A 94 -11.15 -6.02 0.18
CA ASN A 94 -11.16 -5.35 -1.14
C ASN A 94 -12.56 -4.79 -1.53
N GLU A 95 -13.62 -5.57 -1.30
CA GLU A 95 -14.99 -5.02 -1.41
C GLU A 95 -15.18 -3.69 -0.64
N VAL A 96 -14.50 -3.53 0.51
CA VAL A 96 -14.65 -2.32 1.33
C VAL A 96 -14.00 -1.10 0.69
N THR A 97 -12.78 -1.26 0.22
CA THR A 97 -12.02 -0.10 -0.25
C THR A 97 -12.11 0.15 -1.76
N THR A 98 -12.71 -0.79 -2.49
CA THR A 98 -13.08 -0.60 -3.90
C THR A 98 -13.79 0.76 -4.06
N SER A 99 -14.72 1.03 -3.14
CA SER A 99 -15.52 2.25 -3.16
C SER A 99 -14.76 3.50 -2.68
N ASP A 100 -13.47 3.33 -2.35
CA ASP A 100 -12.72 4.39 -1.72
C ASP A 100 -11.27 4.67 -2.26
N PRO A 101 -11.20 5.14 -3.52
CA PRO A 101 -9.94 5.47 -4.19
C PRO A 101 -9.13 6.49 -3.47
N GLN A 102 -9.79 7.45 -2.83
CA GLN A 102 -9.06 8.52 -2.21
CA GLN A 102 -9.11 8.55 -2.14
C GLN A 102 -8.13 7.97 -1.10
N LEU A 103 -8.63 7.00 -0.36
CA LEU A 103 -7.86 6.42 0.73
C LEU A 103 -6.68 5.69 0.14
N LEU A 104 -6.95 4.83 -0.86
CA LEU A 104 -5.94 3.99 -1.49
C LEU A 104 -4.84 4.88 -2.08
N LEU A 105 -5.24 6.01 -2.63
CA LEU A 105 -4.25 6.94 -3.18
C LEU A 105 -3.40 7.55 -2.12
N LYS A 106 -4.03 7.94 -1.03
CA LYS A 106 -3.33 8.50 0.09
C LYS A 106 -2.28 7.51 0.69
N VAL A 107 -2.68 6.25 0.86
CA VAL A 107 -1.76 5.22 1.31
C VAL A 107 -0.54 5.05 0.39
N LEU A 108 -0.84 4.98 -0.88
CA LEU A 108 0.16 4.70 -1.83
C LEU A 108 1.12 5.91 -1.91
N ASP A 109 0.59 7.13 -1.80
CA ASP A 109 1.44 8.30 -1.81
C ASP A 109 2.36 8.33 -0.56
N ILE A 110 1.90 7.76 0.56
CA ILE A 110 2.78 7.67 1.75
CA ILE A 110 2.79 7.70 1.73
C ILE A 110 3.89 6.67 1.49
N HIS A 111 3.56 5.55 0.86
CA HIS A 111 4.65 4.63 0.44
C HIS A 111 5.66 5.32 -0.43
N ASP A 112 5.18 6.13 -1.35
CA ASP A 112 6.11 6.89 -2.22
C ASP A 112 6.93 7.93 -1.46
N GLU A 113 6.29 8.70 -0.56
CA GLU A 113 7.03 9.63 0.32
C GLU A 113 8.14 8.91 1.07
N LEU A 114 7.80 7.76 1.62
CA LEU A 114 8.84 6.97 2.29
C LEU A 114 10.04 6.70 1.44
N SER A 115 9.84 6.28 0.20
CA SER A 115 10.96 5.96 -0.61
C SER A 115 11.71 7.24 -1.06
N GLN A 116 11.09 8.40 -0.96
CA GLN A 116 11.84 9.65 -1.27
C GLN A 116 12.65 10.18 -0.11
N MET A 117 12.37 9.72 1.08
CA MET A 117 13.15 10.23 2.27
C MET A 117 14.64 9.96 2.13
N ASP A 118 15.42 11.02 2.34
CA ASP A 118 16.86 10.95 2.15
C ASP A 118 17.62 10.58 3.39
N ASP A 119 16.93 10.64 4.54
CA ASP A 119 17.62 10.27 5.81
C ASP A 119 16.61 9.84 6.88
N GLU A 120 17.12 9.35 8.00
CA GLU A 120 16.30 8.74 9.07
C GLU A 120 15.35 9.75 9.71
N ALA A 121 15.80 11.01 9.79
CA ALA A 121 14.96 12.07 10.34
C ALA A 121 13.66 12.20 9.57
N GLY A 122 13.75 12.20 8.24
CA GLY A 122 12.51 12.33 7.45
C GLY A 122 11.65 11.07 7.65
N VAL A 123 12.28 9.92 7.84
CA VAL A 123 11.50 8.67 8.06
C VAL A 123 10.80 8.73 9.45
N LYS A 124 11.50 9.24 10.45
CA LYS A 124 10.91 9.36 11.78
C LYS A 124 9.75 10.25 11.80
N LEU A 125 9.81 11.38 11.10
CA LEU A 125 8.61 12.23 10.95
C LEU A 125 7.38 11.47 10.36
N LEU A 126 7.55 10.81 9.22
CA LEU A 126 6.45 10.06 8.60
C LEU A 126 5.92 9.03 9.60
N GLU A 127 6.81 8.41 10.36
CA GLU A 127 6.42 7.36 11.31
C GLU A 127 5.60 7.96 12.49
N LYS A 128 6.04 9.10 13.04
CA LYS A 128 5.22 9.84 13.99
C LYS A 128 3.84 10.22 13.43
N GLN A 129 3.78 10.64 12.19
CA GLN A 129 2.48 11.03 11.64
C GLN A 129 1.58 9.78 11.50
N ASN A 130 2.19 8.65 11.15
CA ASN A 130 1.41 7.38 11.03
C ASN A 130 0.89 6.89 12.38
N LYS A 131 1.71 7.02 13.44
CA LYS A 131 1.31 6.68 14.82
C LYS A 131 0.12 7.50 15.27
N GLU A 132 0.11 8.77 14.88
CA GLU A 132 -1.03 9.63 15.16
C GLU A 132 -2.28 9.20 14.38
N ARG A 133 -2.14 8.73 13.13
CA ARG A 133 -3.34 8.30 12.40
C ARG A 133 -3.92 7.04 13.14
N ILE A 134 -3.01 6.19 13.57
CA ILE A 134 -3.38 4.95 14.29
C ILE A 134 -4.12 5.27 15.60
N GLN A 135 -3.56 6.15 16.43
CA GLN A 135 -4.29 6.55 17.63
C GLN A 135 -5.64 7.16 17.35
N ASP A 136 -5.74 7.99 16.33
CA ASP A 136 -7.05 8.57 16.05
C ASP A 136 -8.08 7.49 15.65
N ILE A 137 -7.65 6.55 14.82
CA ILE A 137 -8.54 5.45 14.39
C ILE A 137 -8.99 4.62 15.59
N GLU A 138 -8.08 4.36 16.52
CA GLU A 138 -8.47 3.59 17.73
C GLU A 138 -9.51 4.33 18.50
N ALA A 139 -9.36 5.64 18.57
CA ALA A 139 -10.39 6.44 19.33
C ALA A 139 -11.72 6.43 18.57
N GLN A 140 -11.68 6.55 17.24
CA GLN A 140 -12.88 6.49 16.39
C GLN A 140 -13.56 5.14 16.48
N LEU A 141 -12.76 4.07 16.56
CA LEU A 141 -13.37 2.75 16.67
C LEU A 141 -14.12 2.59 17.98
N GLY A 142 -13.57 3.10 19.06
CA GLY A 142 -14.28 2.99 20.36
C GLY A 142 -15.66 3.68 20.26
N GLN A 143 -15.68 4.84 19.62
CA GLN A 143 -17.01 5.50 19.35
C GLN A 143 -17.94 4.64 18.47
N CYS A 144 -17.44 4.08 17.36
CA CYS A 144 -18.30 3.26 16.48
C CYS A 144 -18.83 2.05 17.23
N TYR A 145 -17.95 1.37 18.00
CA TYR A 145 -18.48 0.22 18.76
C TYR A 145 -19.45 0.62 19.83
N ASN A 146 -19.15 1.70 20.52
CA ASN A 146 -20.13 2.20 21.52
C ASN A 146 -21.47 2.51 20.87
N ASP A 147 -21.43 2.99 19.64
CA ASP A 147 -22.69 3.40 18.97
C ASP A 147 -23.24 2.37 18.01
N LYS A 148 -22.63 1.20 18.00
CA LYS A 148 -23.08 0.10 17.09
C LYS A 148 -23.06 0.51 15.65
N ASP A 149 -22.07 1.36 15.32
CA ASP A 149 -21.90 1.73 13.93
C ASP A 149 -20.88 0.75 13.31
N TYR A 150 -21.38 -0.43 12.96
CA TYR A 150 -20.54 -1.50 12.49
C TYR A 150 -20.05 -1.24 11.08
N ALA A 151 -20.87 -0.56 10.28
CA ALA A 151 -20.43 -0.17 8.92
C ALA A 151 -19.23 0.78 8.97
N ALA A 152 -19.25 1.73 9.88
CA ALA A 152 -18.14 2.61 9.99
C ALA A 152 -16.87 1.83 10.56
N ALA A 153 -17.09 0.90 11.46
CA ALA A 153 -15.96 0.19 12.14
C ALA A 153 -15.30 -0.67 11.05
N VAL A 154 -16.06 -1.28 10.14
CA VAL A 154 -15.47 -2.05 8.99
C VAL A 154 -14.52 -1.17 8.18
N LYS A 155 -15.00 0.01 7.77
CA LYS A 155 -14.11 0.90 6.99
C LYS A 155 -12.92 1.32 7.71
N LEU A 156 -13.09 1.76 8.98
CA LEU A 156 -11.86 2.10 9.74
C LEU A 156 -10.87 0.97 9.97
N THR A 157 -11.38 -0.26 10.16
CA THR A 157 -10.49 -1.40 10.43
C THR A 157 -9.70 -1.80 9.17
N VAL A 158 -10.34 -1.69 8.02
CA VAL A 158 -9.59 -1.93 6.76
C VAL A 158 -8.51 -0.85 6.61
N GLU A 159 -8.88 0.39 6.98
CA GLU A 159 -7.89 1.50 6.91
C GLU A 159 -6.73 1.28 7.91
N LEU A 160 -7.09 0.81 9.13
CA LEU A 160 -6.12 0.64 10.16
C LEU A 160 -5.03 -0.38 9.68
N LYS A 161 -5.48 -1.38 8.96
CA LYS A 161 -4.52 -2.39 8.46
C LYS A 161 -3.46 -1.73 7.56
N TYR A 162 -3.86 -0.78 6.75
CA TYR A 162 -2.83 -0.11 5.90
C TYR A 162 -1.82 0.64 6.71
N TRP A 163 -2.25 1.34 7.75
CA TRP A 163 -1.28 2.03 8.63
C TRP A 163 -0.43 1.10 9.43
N TYR A 164 -0.97 -0.05 9.88
CA TYR A 164 -0.07 -1.06 10.47
C TYR A 164 1.03 -1.54 9.50
N ASN A 165 0.61 -1.82 8.28
CA ASN A 165 1.58 -2.21 7.24
C ASN A 165 2.65 -1.13 7.01
N LEU A 166 2.23 0.11 6.96
CA LEU A 166 3.27 1.20 6.84
C LEU A 166 4.14 1.26 8.08
N ALA A 167 3.56 1.00 9.26
CA ALA A 167 4.37 1.05 10.51
C ALA A 167 5.51 0.08 10.42
N LYS A 168 5.24 -1.10 9.89
CA LYS A 168 6.30 -2.05 9.63
C LYS A 168 7.29 -1.59 8.56
N ALA A 169 6.82 -0.98 7.47
CA ALA A 169 7.75 -0.41 6.46
C ALA A 169 8.73 0.61 7.09
N PHE A 170 8.28 1.38 8.07
CA PHE A 170 9.13 2.38 8.69
C PHE A 170 10.20 1.67 9.52
N LYS A 171 9.80 0.65 10.26
CA LYS A 171 10.83 -0.18 10.90
C LYS A 171 11.79 -0.84 10.02
N ASP A 172 11.37 -1.28 8.83
CA ASP A 172 12.27 -1.98 7.95
C ASP A 172 13.15 -1.07 7.13
N TRP A 173 12.94 0.23 7.23
CA TRP A 173 13.70 1.20 6.41
C TRP A 173 15.20 1.12 6.69
N ALA A 174 16.01 1.21 5.66
CA ALA A 174 17.47 1.39 5.85
C ALA A 174 17.95 2.55 4.98
N PRO A 175 19.05 3.20 5.40
CA PRO A 175 19.56 4.35 4.66
C PRO A 175 20.28 3.84 3.46
N GLY A 176 20.44 4.70 2.47
CA GLY A 176 21.43 4.49 1.43
C GLY A 176 20.88 3.78 0.23
N LYS A 177 19.55 3.61 0.13
CA LYS A 177 18.99 3.07 -1.13
C LYS A 177 19.30 3.96 -2.31
N GLN A 178 19.79 3.34 -3.38
CA GLN A 178 20.00 4.01 -4.64
C GLN A 178 18.69 4.52 -5.21
N LEU A 179 18.71 5.71 -5.79
CA LEU A 179 17.60 6.19 -6.60
C LEU A 179 17.97 6.04 -8.06
N GLU A 180 17.04 6.40 -8.94
CA GLU A 180 17.39 6.66 -10.35
C GLU A 180 16.30 7.44 -11.10
N SER B 11 12.10 27.20 -26.32
CA SER B 11 12.25 25.95 -27.15
C SER B 11 11.78 24.70 -26.38
N THR B 12 11.09 23.78 -27.07
CA THR B 12 10.66 22.49 -26.47
C THR B 12 11.80 21.48 -26.51
N PHE B 13 11.64 20.34 -25.85
CA PHE B 13 12.69 19.32 -25.87
C PHE B 13 12.81 18.69 -27.24
N TYR B 14 11.70 18.62 -27.97
CA TYR B 14 11.74 18.11 -29.37
C TYR B 14 12.51 19.03 -30.30
N GLU B 15 12.46 20.33 -30.00
CA GLU B 15 13.14 21.32 -30.83
C GLU B 15 14.62 21.41 -30.48
N LEU B 16 15.01 20.91 -29.30
CA LEU B 16 16.45 20.89 -28.96
C LEU B 16 17.18 19.80 -29.73
N PHE B 17 16.42 18.96 -30.40
CA PHE B 17 17.03 17.95 -31.25
C PHE B 17 16.45 18.02 -32.64
N PRO B 18 16.97 18.95 -33.48
CA PRO B 18 16.55 19.07 -34.88
C PRO B 18 16.82 17.83 -35.77
N LYS B 19 17.95 17.14 -35.61
CA LYS B 19 18.27 15.97 -36.47
CA LYS B 19 18.26 15.97 -36.45
C LYS B 19 17.22 14.85 -36.25
N THR B 20 16.99 14.48 -35.00
CA THR B 20 15.87 13.59 -34.72
C THR B 20 14.72 14.62 -34.60
N PHE B 21 13.50 14.28 -34.98
CA PHE B 21 12.39 15.28 -35.10
C PHE B 21 12.70 16.45 -36.04
N PRO B 22 13.02 16.15 -37.31
CA PRO B 22 13.20 17.24 -38.29
C PRO B 22 11.94 18.08 -38.39
N LYS B 23 10.85 17.50 -37.90
CA LYS B 23 9.52 18.07 -37.99
C LYS B 23 9.17 18.86 -36.71
N LYS B 24 10.10 18.89 -35.75
CA LYS B 24 10.02 19.74 -34.53
C LYS B 24 8.78 19.59 -33.66
N LEU B 25 7.99 18.53 -33.83
CA LEU B 25 6.75 18.40 -33.05
C LEU B 25 6.57 17.05 -32.33
N PRO B 26 6.00 17.08 -31.10
CA PRO B 26 6.03 15.93 -30.17
C PRO B 26 5.49 14.58 -30.70
N ILE B 27 6.28 13.53 -30.53
CA ILE B 27 5.89 12.19 -30.96
C ILE B 27 6.33 11.12 -29.96
N TRP B 28 5.53 10.06 -29.82
CA TRP B 28 5.78 8.92 -28.91
C TRP B 28 6.87 8.00 -29.40
N THR B 29 6.67 7.45 -30.60
CA THR B 29 7.65 6.57 -31.25
C THR B 29 8.86 7.40 -31.71
N ILE B 30 9.85 7.47 -30.81
CA ILE B 30 11.09 8.24 -31.00
C ILE B 30 12.17 7.26 -31.41
N ASP B 31 12.97 7.61 -32.41
CA ASP B 31 14.11 6.78 -32.75
C ASP B 31 15.21 7.03 -31.71
N GLN B 32 15.28 6.14 -30.72
CA GLN B 32 16.15 6.31 -29.56
C GLN B 32 17.65 6.37 -29.86
N SER B 33 18.11 5.63 -30.87
CA SER B 33 19.53 5.65 -31.23
CA SER B 33 19.53 5.64 -31.27
C SER B 33 19.95 6.96 -31.90
N ARG B 34 19.12 7.49 -32.79
CA ARG B 34 19.49 8.79 -33.36
C ARG B 34 19.42 9.89 -32.31
N LEU B 35 18.50 9.76 -31.32
CA LEU B 35 18.42 10.73 -30.24
C LEU B 35 19.70 10.72 -29.42
N ARG B 36 20.08 9.52 -28.98
CA ARG B 36 21.32 9.28 -28.28
C ARG B 36 22.51 9.82 -29.10
N LYS B 37 22.57 9.45 -30.37
CA LYS B 37 23.56 9.96 -31.31
C LYS B 37 23.66 11.49 -31.22
N GLU B 38 22.55 12.17 -31.48
CA GLU B 38 22.52 13.62 -31.64
C GLU B 38 22.87 14.32 -30.33
N TYR B 39 22.29 13.79 -29.26
CA TYR B 39 22.59 14.20 -27.91
C TYR B 39 24.08 14.14 -27.60
N ARG B 40 24.73 13.05 -27.98
CA ARG B 40 26.16 12.88 -27.74
C ARG B 40 27.04 13.97 -28.39
N GLN B 41 26.75 14.28 -29.66
CA GLN B 41 27.49 15.33 -30.35
C GLN B 41 27.08 16.74 -29.89
N LEU B 42 25.82 16.89 -29.48
CA LEU B 42 25.33 18.13 -28.86
C LEU B 42 26.11 18.53 -27.60
N GLN B 43 26.45 17.54 -26.77
CA GLN B 43 27.21 17.77 -25.53
C GLN B 43 28.62 18.24 -25.83
N ALA B 44 29.23 17.70 -26.88
CA ALA B 44 30.60 18.05 -27.27
C ALA B 44 30.66 19.47 -27.85
N GLN B 45 29.93 20.40 -27.19
CA GLN B 45 29.85 21.80 -27.61
C GLN B 45 29.94 22.78 -26.43
N THR B 60 20.88 21.71 -19.04
CA THR B 60 19.49 21.25 -19.08
C THR B 60 19.29 20.44 -20.36
N LEU B 61 20.32 20.42 -21.18
CA LEU B 61 20.38 19.48 -22.30
C LEU B 61 20.09 18.07 -21.76
N ASN B 62 20.61 17.80 -20.56
CA ASN B 62 20.37 16.57 -19.81
C ASN B 62 18.88 16.31 -19.59
N GLN B 63 18.20 17.33 -19.05
CA GLN B 63 16.78 17.24 -18.73
C GLN B 63 15.97 16.80 -19.96
N ALA B 64 16.27 17.47 -21.07
CA ALA B 64 15.65 17.19 -22.35
C ALA B 64 15.90 15.74 -22.81
N TYR B 65 17.16 15.29 -22.77
CA TYR B 65 17.46 13.94 -23.26
C TYR B 65 16.72 12.90 -22.41
N HIS B 66 16.88 13.01 -21.10
CA HIS B 66 16.30 12.02 -20.20
C HIS B 66 14.80 12.03 -20.14
N THR B 67 14.18 13.19 -20.37
CA THR B 67 12.73 13.23 -20.49
C THR B 67 12.26 12.42 -21.70
N LEU B 68 12.89 12.66 -22.85
CA LEU B 68 12.48 11.97 -24.07
C LEU B 68 12.89 10.51 -24.08
N LYS B 69 14.01 10.19 -23.44
CA LYS B 69 14.48 8.81 -23.37
C LYS B 69 13.49 7.95 -22.62
N ASP B 70 13.12 8.40 -21.42
CA ASP B 70 12.31 7.58 -20.55
C ASP B 70 10.87 7.58 -20.97
N PRO B 71 10.31 6.39 -21.26
CA PRO B 71 8.91 6.30 -21.62
C PRO B 71 7.98 7.09 -20.70
N LEU B 72 8.08 6.87 -19.38
CA LEU B 72 7.13 7.51 -18.45
C LEU B 72 7.20 9.02 -18.54
N ARG B 73 8.41 9.56 -18.46
CA ARG B 73 8.61 11.00 -18.53
C ARG B 73 8.30 11.54 -19.91
N ARG B 74 8.47 10.73 -20.95
CA ARG B 74 8.20 11.22 -22.31
C ARG B 74 6.72 11.41 -22.45
N SER B 75 5.97 10.40 -22.00
CA SER B 75 4.54 10.46 -22.08
C SER B 75 4.05 11.63 -21.24
N GLN B 76 4.60 11.82 -20.03
CA GLN B 76 4.24 12.97 -19.18
C GLN B 76 4.56 14.28 -19.87
N TYR B 77 5.68 14.31 -20.60
CA TYR B 77 6.10 15.56 -21.25
C TYR B 77 5.30 15.87 -22.51
N MET B 78 4.90 14.84 -23.25
CA MET B 78 3.76 15.00 -24.14
C MET B 78 2.59 15.12 -23.17
N LEU B 79 1.34 15.03 -23.60
CA LEU B 79 0.26 15.35 -22.66
C LEU B 79 0.36 16.80 -22.14
N LYS B 80 1.51 17.16 -21.53
CA LYS B 80 1.71 18.52 -21.04
C LYS B 80 1.77 19.50 -22.20
N LEU B 81 2.63 19.19 -23.16
CA LEU B 81 2.77 19.98 -24.39
C LEU B 81 1.54 19.87 -25.27
N LEU B 82 1.00 18.67 -25.45
CA LEU B 82 -0.13 18.50 -26.35
C LEU B 82 -1.46 18.94 -25.71
N ARG B 83 -1.74 18.43 -24.52
CA ARG B 83 -3.06 18.58 -23.95
C ARG B 83 -3.08 19.36 -22.63
N ASN B 84 -2.06 20.20 -22.44
CA ASN B 84 -1.93 21.05 -21.25
C ASN B 84 -2.21 20.37 -19.90
N ILE B 85 -1.98 19.05 -19.85
CA ILE B 85 -2.11 18.25 -18.61
C ILE B 85 -0.73 17.92 -18.05
N ASP B 86 -0.46 18.43 -16.85
CA ASP B 86 0.80 18.11 -16.16
C ASP B 86 0.59 17.05 -15.08
N LEU B 87 1.04 15.84 -15.36
CA LEU B 87 0.86 14.76 -14.41
C LEU B 87 1.91 14.81 -13.31
N THR B 88 2.83 15.76 -13.40
CA THR B 88 3.82 16.01 -12.35
C THR B 88 3.16 16.84 -11.24
N GLN B 89 1.93 17.26 -11.50
CA GLN B 89 1.15 18.03 -10.54
C GLN B 89 -0.13 17.34 -10.06
N GLU B 90 -0.45 17.55 -8.78
CA GLU B 90 -1.39 16.71 -8.02
C GLU B 90 -2.88 16.85 -8.28
N GLN B 91 -3.29 18.02 -8.77
CA GLN B 91 -4.69 18.25 -9.11
C GLN B 91 -5.14 17.30 -10.22
N THR B 92 -4.32 17.19 -11.25
CA THR B 92 -4.60 16.32 -12.40
C THR B 92 -4.32 14.86 -12.08
N SER B 93 -3.20 14.60 -11.39
CA SER B 93 -2.80 13.24 -11.02
C SER B 93 -3.51 12.76 -9.74
N THR B 98 -7.17 8.75 -9.32
CA THR B 98 -8.44 8.27 -8.81
C THR B 98 -8.89 7.16 -9.72
N SER B 99 -10.06 7.37 -10.32
CA SER B 99 -10.55 6.62 -11.47
C SER B 99 -10.59 5.10 -11.28
N ASP B 100 -9.45 4.48 -10.93
CA ASP B 100 -9.31 3.03 -10.99
C ASP B 100 -8.94 2.32 -9.68
N PRO B 101 -9.97 2.02 -8.86
CA PRO B 101 -9.79 1.42 -7.52
C PRO B 101 -9.13 0.07 -7.58
N GLN B 102 -9.56 -0.78 -8.51
CA GLN B 102 -9.03 -2.15 -8.59
C GLN B 102 -7.54 -2.17 -8.92
N LEU B 103 -7.10 -1.19 -9.72
CA LEU B 103 -5.68 -1.05 -10.05
C LEU B 103 -4.89 -0.66 -8.79
N LEU B 104 -5.44 0.29 -8.04
CA LEU B 104 -4.80 0.78 -6.81
C LEU B 104 -4.62 -0.35 -5.80
N LEU B 105 -5.68 -1.14 -5.63
CA LEU B 105 -5.61 -2.28 -4.72
C LEU B 105 -4.57 -3.29 -5.23
N LYS B 106 -4.55 -3.51 -6.53
CA LYS B 106 -3.56 -4.41 -7.11
C LYS B 106 -2.15 -3.93 -6.81
N VAL B 107 -1.86 -2.65 -7.06
CA VAL B 107 -0.57 -2.08 -6.74
C VAL B 107 -0.25 -2.30 -5.25
N LEU B 108 -1.13 -1.84 -4.38
CA LEU B 108 -0.88 -1.98 -2.95
C LEU B 108 -0.63 -3.43 -2.48
N ASP B 109 -1.32 -4.39 -3.09
CA ASP B 109 -1.17 -5.81 -2.77
CA ASP B 109 -1.15 -5.77 -2.68
C ASP B 109 0.24 -6.29 -3.10
N ILE B 110 0.75 -5.84 -4.23
CA ILE B 110 2.09 -6.22 -4.63
C ILE B 110 3.15 -5.65 -3.71
N HIS B 111 2.96 -4.40 -3.27
CA HIS B 111 3.79 -3.82 -2.20
C HIS B 111 3.77 -4.65 -0.95
N ASP B 112 2.58 -5.12 -0.57
CA ASP B 112 2.49 -5.90 0.65
C ASP B 112 3.18 -7.26 0.47
N GLU B 113 2.88 -7.92 -0.65
CA GLU B 113 3.49 -9.19 -0.96
C GLU B 113 5.02 -9.06 -0.90
N LEU B 114 5.54 -8.02 -1.54
CA LEU B 114 6.96 -7.75 -1.54
C LEU B 114 7.49 -7.55 -0.12
N SER B 115 6.72 -6.90 0.75
CA SER B 115 7.18 -6.68 2.10
C SER B 115 7.34 -8.00 2.87
N GLN B 116 6.67 -9.06 2.42
CA GLN B 116 6.71 -10.35 3.12
C GLN B 116 7.59 -11.39 2.42
N MET B 117 8.14 -11.04 1.25
CA MET B 117 8.96 -11.93 0.45
C MET B 117 10.31 -12.12 1.14
N ASP B 118 10.83 -13.36 1.05
CA ASP B 118 12.16 -13.67 1.55
C ASP B 118 13.15 -14.14 0.51
N ASP B 119 12.69 -14.92 -0.46
CA ASP B 119 13.57 -15.42 -1.50
C ASP B 119 13.65 -14.53 -2.75
N GLU B 120 14.88 -14.28 -3.18
CA GLU B 120 15.20 -13.47 -4.33
C GLU B 120 14.56 -13.97 -5.62
N ALA B 121 14.39 -15.29 -5.73
CA ALA B 121 13.74 -15.93 -6.88
C ALA B 121 12.29 -15.45 -7.07
N GLY B 122 11.52 -15.42 -5.99
CA GLY B 122 10.15 -14.91 -6.00
C GLY B 122 10.09 -13.43 -6.37
N VAL B 123 10.99 -12.66 -5.78
CA VAL B 123 11.12 -11.23 -6.06
C VAL B 123 11.44 -11.01 -7.54
N LYS B 124 12.36 -11.81 -8.09
CA LYS B 124 12.71 -11.71 -9.50
C LYS B 124 11.48 -12.00 -10.35
N LEU B 125 10.69 -12.98 -9.94
CA LEU B 125 9.46 -13.36 -10.63
C LEU B 125 8.43 -12.22 -10.61
N LEU B 126 8.19 -11.64 -9.43
CA LEU B 126 7.41 -10.40 -9.34
C LEU B 126 7.97 -9.25 -10.20
N GLU B 127 9.29 -9.10 -10.22
CA GLU B 127 9.89 -8.05 -11.01
C GLU B 127 9.62 -8.28 -12.50
N LYS B 128 9.85 -9.52 -12.97
CA LYS B 128 9.62 -9.86 -14.36
C LYS B 128 8.18 -9.58 -14.72
N GLN B 129 7.25 -9.90 -13.83
CA GLN B 129 5.83 -9.63 -14.09
C GLN B 129 5.59 -8.14 -14.23
N ASN B 130 6.27 -7.37 -13.38
CA ASN B 130 6.16 -5.93 -13.44
C ASN B 130 6.70 -5.32 -14.74
N LYS B 131 7.84 -5.83 -15.21
CA LYS B 131 8.38 -5.43 -16.51
C LYS B 131 7.44 -5.72 -17.64
N GLU B 132 6.77 -6.88 -17.60
CA GLU B 132 5.86 -7.28 -18.71
C GLU B 132 4.68 -6.29 -18.76
N ARG B 133 4.24 -5.86 -17.57
CA ARG B 133 3.20 -4.85 -17.44
C ARG B 133 3.61 -3.50 -18.02
N ILE B 134 4.79 -3.02 -17.66
CA ILE B 134 5.40 -1.82 -18.24
C ILE B 134 5.50 -1.93 -19.78
N GLN B 135 6.18 -2.96 -20.27
CA GLN B 135 6.32 -3.15 -21.73
C GLN B 135 4.93 -3.06 -22.39
N ASP B 136 3.99 -3.79 -21.81
CA ASP B 136 2.59 -3.82 -22.20
C ASP B 136 1.98 -2.42 -22.34
N ILE B 137 2.23 -1.57 -21.34
CA ILE B 137 1.60 -0.25 -21.28
C ILE B 137 2.21 0.76 -22.24
N GLU B 138 3.51 0.63 -22.48
CA GLU B 138 4.18 1.49 -23.44
C GLU B 138 3.59 1.22 -24.84
N ALA B 139 3.39 -0.05 -25.15
CA ALA B 139 2.75 -0.42 -26.42
C ALA B 139 1.37 0.25 -26.54
N GLN B 140 0.52 -0.01 -25.55
CA GLN B 140 -0.78 0.65 -25.45
C GLN B 140 -0.69 2.18 -25.65
N LEU B 141 0.33 2.79 -25.06
CA LEU B 141 0.61 4.22 -25.23
C LEU B 141 0.97 4.65 -26.65
N GLY B 142 1.69 3.80 -27.39
CA GLY B 142 1.96 4.04 -28.82
C GLY B 142 0.68 4.16 -29.65
N GLN B 143 -0.21 3.19 -29.45
CA GLN B 143 -1.55 3.16 -30.04
C GLN B 143 -2.38 4.40 -29.69
N CYS B 144 -2.28 4.82 -28.42
CA CYS B 144 -3.02 5.96 -27.91
C CYS B 144 -2.61 7.24 -28.60
N TYR B 145 -1.30 7.45 -28.68
CA TYR B 145 -0.75 8.68 -29.26
C TYR B 145 -0.92 8.71 -30.77
N ASN B 146 -0.85 7.54 -31.40
CA ASN B 146 -1.29 7.40 -32.78
C ASN B 146 -2.76 7.82 -32.84
N ASP B 147 -3.62 7.11 -32.09
CA ASP B 147 -5.06 7.41 -31.98
C ASP B 147 -5.40 8.83 -31.51
N LYS B 148 -4.37 9.52 -30.96
CA LYS B 148 -4.56 10.79 -30.26
C LYS B 148 -5.72 10.66 -29.25
N ASP B 149 -5.84 9.44 -28.70
CA ASP B 149 -6.79 9.15 -27.63
C ASP B 149 -6.19 9.66 -26.32
N TYR B 150 -6.38 10.96 -26.09
CA TYR B 150 -5.72 11.65 -25.00
C TYR B 150 -6.33 11.33 -23.63
N ALA B 151 -7.52 10.73 -23.63
CA ALA B 151 -8.20 10.31 -22.40
C ALA B 151 -7.63 8.98 -21.87
N ALA B 152 -7.48 8.01 -22.77
CA ALA B 152 -6.90 6.73 -22.41
C ALA B 152 -5.40 6.87 -22.11
N ALA B 153 -4.70 7.65 -22.94
CA ALA B 153 -3.29 7.98 -22.73
C ALA B 153 -3.03 8.45 -21.29
N VAL B 154 -3.88 9.33 -20.76
CA VAL B 154 -3.72 9.85 -19.39
C VAL B 154 -3.86 8.76 -18.31
N LYS B 155 -4.86 7.90 -18.47
CA LYS B 155 -5.10 6.82 -17.53
C LYS B 155 -3.91 5.87 -17.49
N LEU B 156 -3.41 5.54 -18.68
CA LEU B 156 -2.26 4.67 -18.80
C LEU B 156 -0.98 5.28 -18.22
N THR B 157 -0.88 6.60 -18.26
CA THR B 157 0.35 7.25 -17.84
C THR B 157 0.34 7.34 -16.33
N VAL B 158 -0.84 7.55 -15.78
CA VAL B 158 -1.01 7.51 -14.34
C VAL B 158 -0.70 6.10 -13.88
N GLU B 159 -1.32 5.10 -14.50
CA GLU B 159 -1.02 3.72 -14.14
C GLU B 159 0.47 3.38 -14.24
N LEU B 160 1.14 3.89 -15.27
CA LEU B 160 2.55 3.55 -15.52
C LEU B 160 3.49 3.94 -14.38
N LYS B 161 3.20 5.09 -13.82
CA LYS B 161 3.96 5.60 -12.69
C LYS B 161 3.94 4.62 -11.50
N TYR B 162 2.79 3.98 -11.24
CA TYR B 162 2.72 2.93 -10.18
C TYR B 162 3.66 1.76 -10.42
N TRP B 163 3.72 1.28 -11.66
CA TRP B 163 4.62 0.19 -11.95
C TRP B 163 6.04 0.62 -11.92
N TYR B 164 6.35 1.82 -12.42
CA TYR B 164 7.69 2.41 -12.26
C TYR B 164 8.10 2.42 -10.75
N ASN B 165 7.26 2.99 -9.89
CA ASN B 165 7.53 2.96 -8.42
C ASN B 165 7.74 1.52 -7.88
N LEU B 166 6.93 0.57 -8.32
CA LEU B 166 7.16 -0.83 -7.93
C LEU B 166 8.48 -1.39 -8.41
N ALA B 167 8.85 -1.06 -9.65
CA ALA B 167 10.15 -1.50 -10.20
C ALA B 167 11.25 -1.08 -9.24
N LYS B 168 11.16 0.15 -8.74
CA LYS B 168 12.23 0.65 -7.87
C LYS B 168 12.24 -0.15 -6.58
N ALA B 169 11.04 -0.43 -6.06
CA ALA B 169 10.87 -1.24 -4.85
C ALA B 169 11.55 -2.61 -5.02
N PHE B 170 11.39 -3.22 -6.21
CA PHE B 170 12.09 -4.48 -6.46
C PHE B 170 13.58 -4.36 -6.38
N LYS B 171 14.15 -3.30 -6.95
CA LYS B 171 15.61 -3.10 -6.94
C LYS B 171 16.14 -2.89 -5.53
N ASP B 172 15.31 -2.30 -4.68
CA ASP B 172 15.67 -1.91 -3.31
C ASP B 172 15.50 -3.00 -2.28
N TRP B 173 14.82 -4.06 -2.69
CA TRP B 173 14.52 -5.11 -1.77
C TRP B 173 15.77 -5.87 -1.36
N ALA B 174 15.87 -6.10 -0.05
CA ALA B 174 16.85 -7.02 0.53
C ALA B 174 16.06 -8.03 1.40
N PRO B 175 16.60 -9.27 1.60
CA PRO B 175 15.94 -10.28 2.45
C PRO B 175 15.76 -9.90 3.93
C ACT C . 13.46 4.00 11.75
O ACT C . 12.43 3.93 12.46
OXT ACT C . 14.23 5.00 11.84
CH3 ACT C . 13.76 2.86 10.81
#